data_4PGD
#
_entry.id   4PGD
#
_cell.length_a   88.047
_cell.length_b   137.027
_cell.length_c   45.184
_cell.angle_alpha   90.00
_cell.angle_beta   90.00
_cell.angle_gamma   90.00
#
_symmetry.space_group_name_H-M   'P 21 21 2'
#
loop_
_entity.id
_entity.type
_entity.pdbx_description
1 polymer 'H-2 class I histocompatibility antigen, K-B alpha chain'
2 polymer Beta-2-microglobulin
3 polymer 'Sendai virus nucleoprotein'
4 non-polymer GLYCEROL
5 water water
#
loop_
_entity_poly.entity_id
_entity_poly.type
_entity_poly.pdbx_seq_one_letter_code
_entity_poly.pdbx_strand_id
1 'polypeptide(L)'
;MGSSHHHHHHSSGLVPRGSHMLEDPMGPHSLRYFVTAVSRPGLGEPRYMEVGYVDDTEFVRFDSDAENPRYEPRARWMEQ
EGPEYWERETQKAKGNEQSFRVDLRTLLGYYNQSKGGSHTIQVISGCEVGSDGRLLRGYQQYAYDGCDYIALNEDLKTWT
AADMAALITKHKWEQAGEAERLRAYLEGTCVEWLRRYLKNGNATLLRTDSPKAHVTHHSRPEDKVTLRCWALGFYPADIT
LTWQLNGEELIQDMELVETRPAGDGTFQKWASVVVPLGKEQYYTCHVYHQGLPEPLTLRWEPPP
;
A
2 'polypeptide(L)'
;MIQKTPQIQVYSRHPPENGKPNILNCYVTQFHPPHIEIQMLKNGKKIPKVEMSDMSFSKDWSFYILAHTEFTPTETDTYA
CRVKHDSMAEPKTVYWDRDM
;
B
3 'polypeptide(L)' FAPGNYPAF C
#
loop_
_chem_comp.id
_chem_comp.type
_chem_comp.name
_chem_comp.formula
GOL non-polymer GLYCEROL 'C3 H8 O3'
#
# COMPACT_ATOMS: atom_id res chain seq x y z
N GLY A 27 10.41 -18.44 -1.54
CA GLY A 27 8.92 -18.34 -1.58
C GLY A 27 8.41 -17.77 -2.89
N PRO A 28 7.07 -17.62 -3.02
CA PRO A 28 6.46 -17.08 -4.23
C PRO A 28 6.59 -15.56 -4.33
N HIS A 29 6.77 -15.05 -5.54
CA HIS A 29 6.90 -13.62 -5.77
C HIS A 29 5.75 -13.11 -6.64
N SER A 30 5.57 -11.80 -6.65
CA SER A 30 4.45 -11.18 -7.35
C SER A 30 4.80 -9.87 -8.03
N LEU A 31 4.10 -9.57 -9.12
CA LEU A 31 4.21 -8.29 -9.80
C LEU A 31 2.81 -7.65 -9.85
N ARG A 32 2.65 -6.53 -9.15
CA ARG A 32 1.34 -5.86 -9.08
C ARG A 32 1.39 -4.44 -9.64
N TYR A 33 0.36 -4.08 -10.42
CA TYR A 33 0.17 -2.72 -10.89
C TYR A 33 -1.17 -2.19 -10.36
N PHE A 34 -1.10 -1.13 -9.55
CA PHE A 34 -2.29 -0.47 -9.01
C PHE A 34 -2.57 0.78 -9.83
N VAL A 35 -3.76 0.84 -10.45
CA VAL A 35 -4.13 1.99 -11.26
C VAL A 35 -5.32 2.69 -10.62
N THR A 36 -5.27 4.02 -10.61
CA THR A 36 -6.38 4.82 -10.08
C THR A 36 -6.61 6.06 -10.94
N ALA A 37 -7.88 6.28 -11.28
CA ALA A 37 -8.29 7.44 -12.07
C ALA A 37 -9.37 8.19 -11.30
N VAL A 38 -9.18 9.49 -11.09
CA VAL A 38 -10.10 10.29 -10.27
C VAL A 38 -10.56 11.55 -10.99
N SER A 39 -11.86 11.66 -11.25
CA SER A 39 -12.42 12.86 -11.87
C SER A 39 -12.53 13.98 -10.85
N ARG A 40 -12.36 15.22 -11.32
CA ARG A 40 -12.45 16.40 -10.46
C ARG A 40 -13.06 17.56 -11.23
N PRO A 41 -14.39 17.53 -11.41
CA PRO A 41 -15.16 18.51 -12.20
C PRO A 41 -14.87 19.96 -11.83
N GLY A 42 -14.66 20.80 -12.85
CA GLY A 42 -14.27 22.19 -12.64
C GLY A 42 -12.76 22.35 -12.52
N LEU A 43 -12.13 21.46 -11.76
CA LEU A 43 -10.69 21.50 -11.52
C LEU A 43 -9.86 20.88 -12.64
N GLY A 44 -10.47 20.66 -13.82
CA GLY A 44 -9.73 20.24 -15.01
C GLY A 44 -9.99 18.80 -15.40
N GLU A 45 -8.97 18.15 -15.94
CA GLU A 45 -9.07 16.74 -16.35
C GLU A 45 -8.65 15.83 -15.18
N PRO A 46 -9.06 14.55 -15.23
CA PRO A 46 -8.89 13.66 -14.07
C PRO A 46 -7.44 13.38 -13.67
N ARG A 47 -7.26 13.14 -12.37
CA ARG A 47 -6.00 12.70 -11.80
C ARG A 47 -5.78 11.23 -12.17
N TYR A 48 -4.64 10.92 -12.78
CA TYR A 48 -4.33 9.54 -13.15
C TYR A 48 -2.98 9.07 -12.60
N MET A 49 -2.99 7.91 -11.95
CA MET A 49 -1.80 7.36 -11.29
C MET A 49 -1.65 5.87 -11.53
N GLU A 50 -0.42 5.44 -11.79
CA GLU A 50 -0.08 4.01 -11.84
C GLU A 50 1.08 3.76 -10.89
N VAL A 51 0.94 2.75 -10.02
CA VAL A 51 2.04 2.33 -9.16
C VAL A 51 2.28 0.83 -9.32
N GLY A 52 3.54 0.46 -9.46
CA GLY A 52 3.93 -0.94 -9.66
C GLY A 52 4.70 -1.46 -8.48
N TYR A 53 4.47 -2.71 -8.10
CA TYR A 53 5.18 -3.35 -7.00
C TYR A 53 5.75 -4.69 -7.42
N VAL A 54 7.00 -4.94 -7.06
CA VAL A 54 7.55 -6.30 -7.07
C VAL A 54 7.58 -6.79 -5.63
N ASP A 55 6.74 -7.79 -5.34
CA ASP A 55 6.45 -8.21 -3.97
C ASP A 55 5.89 -7.00 -3.18
N ASP A 56 6.46 -6.69 -2.03
CA ASP A 56 5.96 -5.57 -1.22
C ASP A 56 6.69 -4.26 -1.49
N THR A 57 7.70 -4.31 -2.37
CA THR A 57 8.53 -3.16 -2.71
C THR A 57 8.01 -2.41 -3.93
N GLU A 58 7.79 -1.10 -3.78
CA GLU A 58 7.43 -0.23 -4.89
C GLU A 58 8.64 -0.02 -5.79
N PHE A 59 8.45 -0.15 -7.10
CA PHE A 59 9.56 -0.03 -8.05
C PHE A 59 9.30 0.92 -9.22
N VAL A 60 8.04 1.14 -9.60
CA VAL A 60 7.72 2.15 -10.62
C VAL A 60 6.48 2.97 -10.27
N ARG A 61 6.39 4.16 -10.85
CA ARG A 61 5.28 5.07 -10.62
C ARG A 61 5.02 5.96 -11.83
N PHE A 62 3.76 6.33 -12.03
CA PHE A 62 3.37 7.39 -12.96
C PHE A 62 2.31 8.25 -12.29
N ASP A 63 2.43 9.56 -12.44
CA ASP A 63 1.44 10.50 -11.89
C ASP A 63 1.19 11.64 -12.87
N SER A 64 -0.07 11.81 -13.26
CA SER A 64 -0.46 12.85 -14.22
C SER A 64 -0.26 14.27 -13.68
N ASP A 65 -0.25 14.43 -12.36
CA ASP A 65 -0.06 15.74 -11.73
C ASP A 65 1.39 16.24 -11.66
N ALA A 66 2.34 15.43 -12.09
CA ALA A 66 3.76 15.79 -12.03
C ALA A 66 4.06 16.99 -12.94
N GLU A 67 5.17 17.66 -12.65
CA GLU A 67 5.63 18.82 -13.44
C GLU A 67 5.59 18.49 -14.92
N ASN A 68 6.27 17.43 -15.30
CA ASN A 68 6.14 16.82 -16.64
C ASN A 68 6.00 15.30 -16.47
N PRO A 69 4.79 14.77 -16.72
CA PRO A 69 4.48 13.39 -16.33
C PRO A 69 5.22 12.34 -17.14
N ARG A 70 5.99 11.51 -16.44
CA ARG A 70 6.76 10.42 -17.03
C ARG A 70 6.60 9.21 -16.13
N TYR A 71 6.75 8.02 -16.70
CA TYR A 71 6.90 6.80 -15.91
C TYR A 71 8.31 6.84 -15.34
N GLU A 72 8.47 6.63 -14.03
CA GLU A 72 9.80 6.72 -13.42
C GLU A 72 10.04 5.67 -12.32
N PRO A 73 11.33 5.37 -12.06
CA PRO A 73 11.69 4.36 -11.06
C PRO A 73 11.50 4.84 -9.62
N ARG A 74 11.09 3.92 -8.77
CA ARG A 74 11.00 4.16 -7.32
C ARG A 74 11.94 3.24 -6.54
N ALA A 75 12.69 2.39 -7.24
CA ALA A 75 13.68 1.50 -6.63
C ALA A 75 15.00 1.56 -7.41
N ARG A 76 16.12 1.57 -6.70
CA ARG A 76 17.44 1.73 -7.30
C ARG A 76 17.73 0.75 -8.44
N TRP A 77 17.37 -0.51 -8.26
CA TRP A 77 17.69 -1.56 -9.24
C TRP A 77 17.04 -1.35 -10.61
N MET A 78 16.05 -0.45 -10.69
CA MET A 78 15.44 -0.11 -11.99
C MET A 78 16.31 0.80 -12.85
N GLU A 79 17.42 1.29 -12.31
CA GLU A 79 18.41 2.01 -13.11
C GLU A 79 19.01 1.13 -14.21
N GLN A 80 18.81 -0.19 -14.11
CA GLN A 80 19.34 -1.14 -15.08
C GLN A 80 18.51 -1.23 -16.37
N GLU A 81 17.37 -0.54 -16.41
CA GLU A 81 16.59 -0.44 -17.64
C GLU A 81 16.99 0.81 -18.40
N GLY A 82 17.10 0.69 -19.71
CA GLY A 82 17.54 1.79 -20.57
C GLY A 82 16.44 2.80 -20.84
N PRO A 83 16.78 3.89 -21.55
CA PRO A 83 15.81 4.96 -21.84
C PRO A 83 14.66 4.53 -22.74
N GLU A 84 14.84 3.47 -23.52
CA GLU A 84 13.77 2.92 -24.36
C GLU A 84 12.67 2.25 -23.53
N TYR A 85 13.05 1.68 -22.38
CA TYR A 85 12.08 1.10 -21.45
C TYR A 85 11.14 2.19 -20.91
N TRP A 86 11.72 3.29 -20.43
CA TRP A 86 10.96 4.37 -19.81
C TRP A 86 10.08 5.12 -20.80
N GLU A 87 10.55 5.21 -22.04
CA GLU A 87 9.77 5.85 -23.11
C GLU A 87 8.52 5.03 -23.42
N ARG A 88 8.66 3.72 -23.57
CA ARG A 88 7.52 2.86 -23.86
C ARG A 88 6.50 2.87 -22.71
N GLU A 89 6.99 2.76 -21.47
CA GLU A 89 6.09 2.80 -20.30
C GLU A 89 5.33 4.11 -20.25
N THR A 90 6.03 5.22 -20.47
CA THR A 90 5.37 6.52 -20.50
C THR A 90 4.30 6.59 -21.59
N GLN A 91 4.60 6.09 -22.78
CA GLN A 91 3.62 6.08 -23.89
C GLN A 91 2.40 5.21 -23.55
N LYS A 92 2.62 4.05 -22.93
CA LYS A 92 1.53 3.22 -22.43
C LYS A 92 0.64 4.00 -21.48
N ALA A 93 1.26 4.59 -20.46
CA ALA A 93 0.55 5.34 -19.44
C ALA A 93 -0.29 6.47 -20.02
N LYS A 94 0.28 7.21 -20.97
CA LYS A 94 -0.43 8.30 -21.63
C LYS A 94 -1.70 7.80 -22.33
N GLY A 95 -1.60 6.61 -22.94
CA GLY A 95 -2.74 5.98 -23.59
C GLY A 95 -3.78 5.51 -22.60
N ASN A 96 -3.32 4.96 -21.49
CA ASN A 96 -4.19 4.47 -20.43
C ASN A 96 -4.98 5.59 -19.78
N GLU A 97 -4.31 6.71 -19.49
CA GLU A 97 -4.98 7.89 -18.98
C GLU A 97 -6.21 8.26 -19.83
N GLN A 98 -6.03 8.33 -21.15
CA GLN A 98 -7.13 8.67 -22.06
C GLN A 98 -8.24 7.62 -22.00
N SER A 99 -7.85 6.36 -21.85
CA SER A 99 -8.80 5.26 -21.76
C SER A 99 -9.67 5.38 -20.51
N PHE A 100 -9.07 5.77 -19.39
CA PHE A 100 -9.83 5.93 -18.14
C PHE A 100 -10.65 7.22 -18.08
N ARG A 101 -10.25 8.22 -18.85
CA ARG A 101 -11.08 9.42 -19.02
C ARG A 101 -12.39 9.04 -19.69
N VAL A 102 -12.28 8.26 -20.76
CA VAL A 102 -13.45 7.76 -21.49
C VAL A 102 -14.30 6.87 -20.58
N ASP A 103 -13.65 5.95 -19.87
CA ASP A 103 -14.32 5.07 -18.91
C ASP A 103 -15.14 5.88 -17.90
N LEU A 104 -14.52 6.89 -17.30
CA LEU A 104 -15.22 7.77 -16.36
C LEU A 104 -16.48 8.39 -16.97
N ARG A 105 -16.34 8.96 -18.17
CA ARG A 105 -17.47 9.54 -18.90
C ARG A 105 -18.53 8.49 -19.27
N THR A 106 -18.09 7.29 -19.64
CA THR A 106 -19.03 6.21 -19.97
C THR A 106 -19.88 5.82 -18.78
N LEU A 107 -19.25 5.69 -17.61
CA LEU A 107 -19.97 5.27 -16.40
C LEU A 107 -20.98 6.31 -15.89
N LEU A 108 -20.76 7.58 -16.20
CA LEU A 108 -21.75 8.63 -15.92
C LEU A 108 -23.08 8.32 -16.63
N GLY A 109 -22.98 7.92 -17.90
CA GLY A 109 -24.16 7.52 -18.67
C GLY A 109 -24.81 6.26 -18.13
N TYR A 110 -24.02 5.20 -17.98
CA TYR A 110 -24.50 3.91 -17.47
C TYR A 110 -25.29 4.04 -16.16
N TYR A 111 -24.69 4.69 -15.17
CA TYR A 111 -25.32 4.85 -13.84
C TYR A 111 -26.21 6.09 -13.72
N ASN A 112 -26.34 6.88 -14.79
CA ASN A 112 -27.16 8.10 -14.79
C ASN A 112 -26.76 9.08 -13.69
N GLN A 113 -25.50 9.51 -13.72
CA GLN A 113 -24.94 10.44 -12.72
C GLN A 113 -24.60 11.76 -13.38
N SER A 114 -24.61 12.84 -12.59
CA SER A 114 -24.29 14.18 -13.12
C SER A 114 -22.79 14.33 -13.34
N LYS A 115 -22.42 15.33 -14.15
CA LYS A 115 -21.00 15.61 -14.43
C LYS A 115 -20.30 16.33 -13.29
N GLY A 116 -21.08 16.90 -12.36
CA GLY A 116 -20.54 17.71 -11.27
C GLY A 116 -19.84 16.95 -10.17
N GLY A 117 -20.16 15.66 -10.04
CA GLY A 117 -19.60 14.83 -8.97
C GLY A 117 -18.26 14.19 -9.31
N SER A 118 -17.48 13.93 -8.28
CA SER A 118 -16.18 13.27 -8.43
C SER A 118 -16.35 11.76 -8.31
N HIS A 119 -15.66 11.01 -9.15
CA HIS A 119 -15.76 9.55 -9.13
C HIS A 119 -14.41 8.91 -9.34
N THR A 120 -14.28 7.67 -8.88
CA THR A 120 -13.02 6.96 -8.84
C THR A 120 -13.09 5.63 -9.56
N ILE A 121 -12.11 5.36 -10.41
CA ILE A 121 -11.92 4.01 -10.95
C ILE A 121 -10.57 3.47 -10.48
N GLN A 122 -10.59 2.26 -9.93
CA GLN A 122 -9.38 1.58 -9.49
C GLN A 122 -9.23 0.26 -10.23
N VAL A 123 -8.00 -0.07 -10.60
CA VAL A 123 -7.69 -1.38 -11.19
C VAL A 123 -6.47 -1.97 -10.49
N ILE A 124 -6.53 -3.27 -10.21
CA ILE A 124 -5.37 -4.03 -9.73
C ILE A 124 -5.11 -5.12 -10.76
N SER A 125 -3.87 -5.20 -11.25
CA SER A 125 -3.46 -6.22 -12.21
C SER A 125 -2.15 -6.83 -11.76
N GLY A 126 -2.01 -8.14 -11.93
CA GLY A 126 -0.75 -8.79 -11.58
C GLY A 126 -0.63 -10.26 -11.86
N CYS A 127 0.59 -10.78 -11.69
CA CYS A 127 0.84 -12.22 -11.72
C CYS A 127 1.75 -12.62 -10.56
N GLU A 128 1.70 -13.90 -10.18
CA GLU A 128 2.53 -14.45 -9.13
C GLU A 128 3.26 -15.69 -9.62
N VAL A 129 4.54 -15.78 -9.31
CA VAL A 129 5.35 -16.94 -9.67
C VAL A 129 5.90 -17.64 -8.43
N GLY A 130 6.22 -18.92 -8.58
CA GLY A 130 6.84 -19.69 -7.50
C GLY A 130 8.34 -19.43 -7.43
N SER A 131 9.01 -20.11 -6.51
CA SER A 131 10.48 -19.98 -6.36
C SER A 131 11.21 -20.38 -7.63
N ASP A 132 10.67 -21.35 -8.37
CA ASP A 132 11.25 -21.81 -9.64
C ASP A 132 10.94 -20.92 -10.85
N GLY A 133 10.20 -19.83 -10.63
CA GLY A 133 9.89 -18.87 -11.69
C GLY A 133 8.64 -19.18 -12.50
N ARG A 134 7.98 -20.30 -12.21
CA ARG A 134 6.79 -20.71 -12.95
C ARG A 134 5.53 -20.02 -12.39
N LEU A 135 4.57 -19.76 -13.29
CA LEU A 135 3.36 -19.02 -12.94
C LEU A 135 2.50 -19.79 -11.93
N LEU A 136 1.94 -19.07 -10.96
CA LEU A 136 1.01 -19.64 -9.98
C LEU A 136 -0.41 -19.15 -10.23
N ARG A 137 -0.59 -17.83 -10.30
CA ARG A 137 -1.87 -17.24 -10.70
C ARG A 137 -1.72 -15.82 -11.25
N GLY A 138 -2.71 -15.40 -12.02
CA GLY A 138 -2.78 -14.04 -12.56
C GLY A 138 -4.16 -13.45 -12.32
N TYR A 139 -4.25 -12.13 -12.23
CA TYR A 139 -5.51 -11.49 -11.88
C TYR A 139 -5.63 -10.07 -12.41
N GLN A 140 -6.88 -9.62 -12.58
CA GLN A 140 -7.20 -8.22 -12.83
C GLN A 140 -8.59 -7.91 -12.31
N GLN A 141 -8.71 -6.88 -11.49
CA GLN A 141 -9.98 -6.47 -10.93
C GLN A 141 -10.20 -4.97 -11.06
N TYR A 142 -11.41 -4.59 -11.47
CA TYR A 142 -11.80 -3.19 -11.57
C TYR A 142 -12.83 -2.85 -10.50
N ALA A 143 -12.82 -1.60 -10.05
CA ALA A 143 -13.78 -1.12 -9.08
C ALA A 143 -14.21 0.30 -9.44
N TYR A 144 -15.45 0.64 -9.12
CA TYR A 144 -15.96 1.98 -9.37
C TYR A 144 -16.49 2.54 -8.05
N ASP A 145 -16.00 3.71 -7.67
CA ASP A 145 -16.34 4.34 -6.39
C ASP A 145 -16.21 3.37 -5.22
N GLY A 146 -15.15 2.57 -5.23
CA GLY A 146 -14.85 1.66 -4.13
C GLY A 146 -15.61 0.34 -4.11
N CYS A 147 -16.43 0.08 -5.12
CA CYS A 147 -17.20 -1.16 -5.21
C CYS A 147 -16.74 -2.01 -6.40
N ASP A 148 -16.74 -3.33 -6.22
CA ASP A 148 -16.42 -4.25 -7.32
C ASP A 148 -17.22 -3.91 -8.56
N TYR A 149 -16.54 -3.80 -9.71
CA TYR A 149 -17.19 -3.55 -11.00
C TYR A 149 -17.10 -4.80 -11.86
N ILE A 150 -15.91 -5.11 -12.38
CA ILE A 150 -15.71 -6.31 -13.20
C ILE A 150 -14.37 -6.95 -12.86
N ALA A 151 -14.33 -8.28 -12.90
CA ALA A 151 -13.13 -9.03 -12.53
C ALA A 151 -12.90 -10.24 -13.43
N LEU A 152 -11.63 -10.50 -13.72
CA LEU A 152 -11.22 -11.71 -14.43
C LEU A 152 -11.30 -12.90 -13.48
N ASN A 153 -11.77 -14.04 -13.96
CA ASN A 153 -11.85 -15.24 -13.14
C ASN A 153 -10.52 -15.95 -13.01
N GLU A 154 -10.47 -16.88 -12.06
CA GLU A 154 -9.32 -17.78 -11.85
C GLU A 154 -8.82 -18.48 -13.13
N ASP A 155 -9.74 -18.80 -14.04
CA ASP A 155 -9.38 -19.51 -15.27
C ASP A 155 -8.68 -18.63 -16.32
N LEU A 156 -8.80 -17.31 -16.18
CA LEU A 156 -8.22 -16.33 -17.11
C LEU A 156 -8.88 -16.36 -18.49
N LYS A 157 -10.09 -16.88 -18.59
CA LYS A 157 -10.83 -16.95 -19.85
C LYS A 157 -12.10 -16.11 -19.84
N THR A 158 -12.70 -15.95 -18.68
CA THR A 158 -13.99 -15.27 -18.55
C THR A 158 -13.98 -14.18 -17.48
N TRP A 159 -15.00 -13.33 -17.53
CA TRP A 159 -15.15 -12.21 -16.61
C TRP A 159 -16.32 -12.45 -15.68
N THR A 160 -16.35 -11.71 -14.57
CA THR A 160 -17.53 -11.68 -13.71
C THR A 160 -17.90 -10.23 -13.37
N ALA A 161 -19.18 -9.88 -13.55
CA ALA A 161 -19.66 -8.51 -13.42
C ALA A 161 -20.49 -8.33 -12.14
N ALA A 162 -20.19 -7.29 -11.38
CA ALA A 162 -20.84 -7.07 -10.08
C ALA A 162 -22.28 -6.58 -10.23
N ASP A 163 -22.52 -5.74 -11.24
CA ASP A 163 -23.87 -5.22 -11.50
C ASP A 163 -24.12 -5.05 -13.00
N MET A 164 -25.26 -4.45 -13.34
CA MET A 164 -25.71 -4.38 -14.73
C MET A 164 -24.92 -3.41 -15.63
N ALA A 165 -24.27 -2.43 -15.04
CA ALA A 165 -23.37 -1.57 -15.81
C ALA A 165 -22.16 -2.39 -16.26
N ALA A 166 -21.62 -3.19 -15.33
CA ALA A 166 -20.49 -4.07 -15.63
C ALA A 166 -20.83 -5.17 -16.63
N LEU A 167 -22.10 -5.56 -16.69
CA LEU A 167 -22.55 -6.57 -17.65
C LEU A 167 -22.41 -6.05 -19.09
N ILE A 168 -22.75 -4.78 -19.30
CA ILE A 168 -22.58 -4.17 -20.62
C ILE A 168 -21.11 -4.27 -21.01
N THR A 169 -20.23 -3.85 -20.11
CA THR A 169 -18.78 -3.97 -20.31
C THR A 169 -18.38 -5.42 -20.54
N LYS A 170 -19.01 -6.33 -19.79
CA LYS A 170 -18.72 -7.75 -19.93
C LYS A 170 -18.91 -8.19 -21.37
N HIS A 171 -20.04 -7.84 -21.95
CA HIS A 171 -20.37 -8.23 -23.32
C HIS A 171 -19.45 -7.59 -24.37
N LYS A 172 -19.00 -6.36 -24.11
CA LYS A 172 -18.05 -5.70 -25.01
C LYS A 172 -16.74 -6.48 -25.05
N TRP A 173 -16.27 -6.88 -23.87
CA TRP A 173 -14.97 -7.51 -23.71
C TRP A 173 -14.96 -8.97 -24.19
N GLU A 174 -16.11 -9.64 -24.12
CA GLU A 174 -16.23 -11.00 -24.61
C GLU A 174 -16.14 -11.03 -26.12
N GLN A 175 -16.95 -10.19 -26.77
CA GLN A 175 -17.03 -10.15 -28.23
C GLN A 175 -15.82 -9.53 -28.91
N ALA A 176 -14.95 -8.87 -28.12
CA ALA A 176 -13.67 -8.35 -28.61
C ALA A 176 -12.49 -9.27 -28.27
N GLY A 177 -12.72 -10.30 -27.45
CA GLY A 177 -11.66 -11.22 -27.04
C GLY A 177 -10.60 -10.57 -26.17
N GLU A 178 -11.04 -9.73 -25.23
CA GLU A 178 -10.12 -9.01 -24.35
C GLU A 178 -9.42 -9.95 -23.38
N ALA A 179 -10.12 -10.98 -22.93
CA ALA A 179 -9.54 -11.96 -22.00
C ALA A 179 -8.39 -12.74 -22.63
N GLU A 180 -8.45 -12.95 -23.94
CA GLU A 180 -7.40 -13.66 -24.66
C GLU A 180 -6.10 -12.85 -24.69
N ARG A 181 -6.21 -11.54 -24.91
CA ARG A 181 -5.05 -10.65 -24.96
C ARG A 181 -4.46 -10.44 -23.58
N LEU A 182 -5.33 -10.40 -22.57
CA LEU A 182 -4.91 -10.23 -21.18
C LEU A 182 -4.24 -11.51 -20.66
N ARG A 183 -4.83 -12.65 -20.95
CA ARG A 183 -4.25 -13.94 -20.58
C ARG A 183 -2.85 -14.10 -21.15
N ALA A 184 -2.64 -13.66 -22.39
CA ALA A 184 -1.32 -13.71 -23.02
C ALA A 184 -0.32 -12.85 -22.26
N TYR A 185 -0.76 -11.65 -21.89
CA TYR A 185 0.09 -10.73 -21.11
C TYR A 185 0.45 -11.31 -19.74
N LEU A 186 -0.55 -11.80 -19.01
CA LEU A 186 -0.33 -12.33 -17.67
C LEU A 186 0.52 -13.60 -17.67
N GLU A 187 0.18 -14.55 -18.54
CA GLU A 187 0.92 -15.82 -18.61
C GLU A 187 2.29 -15.70 -19.26
N GLY A 188 2.43 -14.75 -20.20
CA GLY A 188 3.68 -14.59 -20.94
C GLY A 188 4.50 -13.39 -20.49
N THR A 189 4.05 -12.19 -20.86
CA THR A 189 4.78 -10.94 -20.63
C THR A 189 4.99 -10.62 -19.14
N CYS A 190 3.94 -10.71 -18.33
CA CYS A 190 4.01 -10.40 -16.90
C CYS A 190 5.05 -11.26 -16.17
N VAL A 191 5.03 -12.57 -16.44
CA VAL A 191 5.93 -13.51 -15.79
C VAL A 191 7.38 -13.32 -16.24
N GLU A 192 7.58 -13.05 -17.52
CA GLU A 192 8.93 -12.89 -18.07
C GLU A 192 9.66 -11.66 -17.50
N TRP A 193 8.93 -10.56 -17.35
CA TRP A 193 9.50 -9.33 -16.78
C TRP A 193 9.67 -9.41 -15.27
N LEU A 194 8.75 -10.09 -14.59
CA LEU A 194 8.89 -10.33 -13.16
C LEU A 194 10.21 -11.05 -12.87
N ARG A 195 10.53 -12.07 -13.66
CA ARG A 195 11.78 -12.83 -13.51
C ARG A 195 13.00 -11.95 -13.68
N ARG A 196 12.94 -11.06 -14.67
CA ARG A 196 14.01 -10.11 -14.94
C ARG A 196 14.18 -9.14 -13.77
N TYR A 197 13.06 -8.71 -13.19
CA TYR A 197 13.10 -7.81 -12.04
C TYR A 197 13.69 -8.51 -10.84
N LEU A 198 13.35 -9.79 -10.66
CA LEU A 198 13.90 -10.60 -9.58
C LEU A 198 15.39 -10.87 -9.76
N LYS A 199 15.85 -10.94 -11.02
CA LYS A 199 17.26 -11.11 -11.31
C LYS A 199 18.02 -9.81 -11.08
N ASN A 200 17.50 -8.71 -11.62
CA ASN A 200 18.13 -7.39 -11.52
C ASN A 200 18.11 -6.81 -10.11
N GLY A 201 17.03 -7.07 -9.37
CA GLY A 201 16.90 -6.56 -8.01
C GLY A 201 17.15 -7.60 -6.94
N ASN A 202 17.92 -8.63 -7.26
CA ASN A 202 18.13 -9.75 -6.33
C ASN A 202 18.63 -9.34 -4.96
N ALA A 203 19.58 -8.41 -4.92
CA ALA A 203 20.20 -7.95 -3.67
C ALA A 203 19.19 -7.26 -2.76
N THR A 204 18.14 -6.69 -3.36
CA THR A 204 17.07 -6.01 -2.64
C THR A 204 15.88 -6.94 -2.42
N LEU A 205 15.40 -7.57 -3.49
CA LEU A 205 14.15 -8.33 -3.46
C LEU A 205 14.26 -9.69 -2.78
N LEU A 206 15.41 -10.33 -2.89
CA LEU A 206 15.62 -11.67 -2.31
C LEU A 206 16.37 -11.62 -0.99
N ARG A 207 16.48 -10.44 -0.39
CA ARG A 207 17.15 -10.30 0.91
C ARG A 207 16.19 -10.62 2.03
N THR A 208 16.73 -10.72 3.23
CA THR A 208 15.92 -10.98 4.42
C THR A 208 16.49 -10.21 5.62
N ASP A 209 15.86 -9.08 5.93
CA ASP A 209 16.21 -8.32 7.12
C ASP A 209 15.39 -8.85 8.30
N SER A 210 16.10 -9.21 9.37
CA SER A 210 15.49 -9.82 10.54
C SER A 210 14.90 -8.75 11.44
N PRO A 211 13.79 -9.07 12.14
CA PRO A 211 13.22 -8.09 13.05
C PRO A 211 14.09 -7.88 14.29
N LYS A 212 14.19 -6.64 14.73
CA LYS A 212 14.70 -6.33 16.06
C LYS A 212 13.47 -6.05 16.91
N ALA A 213 13.33 -6.77 18.02
CA ALA A 213 12.14 -6.66 18.84
C ALA A 213 12.44 -6.16 20.25
N HIS A 214 11.44 -5.53 20.86
CA HIS A 214 11.50 -5.12 22.26
C HIS A 214 10.08 -4.87 22.79
N VAL A 215 9.93 -4.93 24.11
CA VAL A 215 8.63 -4.69 24.74
C VAL A 215 8.66 -3.36 25.48
N THR A 216 7.52 -2.66 25.48
CA THR A 216 7.38 -1.41 26.23
C THR A 216 6.29 -1.57 27.29
N HIS A 217 6.48 -0.89 28.42
CA HIS A 217 5.58 -0.95 29.57
C HIS A 217 4.76 0.34 29.66
N HIS A 218 3.45 0.22 29.83
CA HIS A 218 2.58 1.39 29.92
C HIS A 218 1.54 1.23 31.04
N SER A 219 1.67 2.06 32.07
CA SER A 219 0.78 2.03 33.23
C SER A 219 -0.62 2.53 32.87
N ARG A 220 -1.62 2.04 33.58
CA ARG A 220 -3.02 2.33 33.31
C ARG A 220 -3.86 2.41 34.59
N PRO A 221 -5.09 2.94 34.48
CA PRO A 221 -5.95 3.03 35.66
C PRO A 221 -6.56 1.68 36.05
N GLU A 222 -6.88 1.53 37.34
CA GLU A 222 -7.48 0.31 37.89
C GLU A 222 -6.56 -0.92 37.83
N ASP A 223 -5.30 -0.69 38.19
CA ASP A 223 -4.31 -1.77 38.38
C ASP A 223 -3.96 -2.59 37.12
N LYS A 224 -4.21 -2.02 35.95
CA LYS A 224 -3.93 -2.71 34.68
C LYS A 224 -2.67 -2.14 34.03
N VAL A 225 -2.11 -2.90 33.09
CA VAL A 225 -0.89 -2.52 32.37
C VAL A 225 -0.96 -2.96 30.91
N THR A 226 -0.57 -2.05 30.00
CA THR A 226 -0.49 -2.36 28.57
C THR A 226 0.94 -2.74 28.20
N LEU A 227 1.11 -3.98 27.73
CA LEU A 227 2.38 -4.44 27.19
C LEU A 227 2.29 -4.37 25.65
N ARG A 228 3.24 -3.68 25.04
CA ARG A 228 3.29 -3.58 23.58
C ARG A 228 4.59 -4.19 23.06
N CYS A 229 4.45 -5.15 22.15
CA CYS A 229 5.58 -5.79 21.51
C CYS A 229 5.84 -5.13 20.16
N TRP A 230 7.06 -4.61 19.96
CA TRP A 230 7.44 -3.97 18.71
C TRP A 230 8.36 -4.87 17.89
N ALA A 231 8.24 -4.78 16.57
CA ALA A 231 9.12 -5.49 15.65
C ALA A 231 9.52 -4.52 14.53
N LEU A 232 10.82 -4.25 14.43
CA LEU A 232 11.32 -3.17 13.57
C LEU A 232 12.31 -3.66 12.52
N GLY A 233 12.38 -2.92 11.42
CA GLY A 233 13.40 -3.11 10.40
C GLY A 233 13.48 -4.49 9.78
N PHE A 234 12.33 -5.09 9.50
CA PHE A 234 12.31 -6.41 8.86
C PHE A 234 11.83 -6.37 7.40
N TYR A 235 12.35 -7.30 6.60
CA TYR A 235 11.93 -7.52 5.22
C TYR A 235 12.08 -9.01 4.95
N PRO A 236 11.09 -9.63 4.28
CA PRO A 236 9.85 -9.06 3.72
C PRO A 236 8.81 -8.70 4.78
N ALA A 237 7.62 -8.30 4.34
CA ALA A 237 6.59 -7.76 5.23
C ALA A 237 5.84 -8.84 6.03
N ASP A 238 5.80 -10.06 5.52
CA ASP A 238 5.06 -11.13 6.18
C ASP A 238 5.68 -11.48 7.54
N ILE A 239 4.91 -11.30 8.60
CA ILE A 239 5.36 -11.53 9.97
C ILE A 239 4.17 -11.86 10.88
N THR A 240 4.40 -12.62 11.94
CA THR A 240 3.36 -12.92 12.91
C THR A 240 3.81 -12.45 14.31
N LEU A 241 2.99 -11.60 14.93
CA LEU A 241 3.15 -11.21 16.33
C LEU A 241 2.06 -11.86 17.19
N THR A 242 2.46 -12.44 18.32
CA THR A 242 1.52 -13.12 19.20
C THR A 242 1.96 -13.05 20.65
N TRP A 243 1.02 -12.74 21.54
CA TRP A 243 1.25 -12.82 22.98
C TRP A 243 0.71 -14.14 23.51
N GLN A 244 1.43 -14.73 24.46
CA GLN A 244 0.98 -15.98 25.09
C GLN A 244 0.93 -15.89 26.61
N LEU A 245 0.13 -16.77 27.20
CA LEU A 245 0.08 -16.94 28.65
C LEU A 245 -0.03 -18.42 28.96
N ASN A 246 1.04 -19.00 29.50
CA ASN A 246 1.10 -20.42 29.85
C ASN A 246 0.66 -21.34 28.70
N GLY A 247 1.09 -21.00 27.48
CA GLY A 247 0.86 -21.85 26.31
C GLY A 247 -0.18 -21.35 25.33
N GLU A 248 -1.26 -20.76 25.84
CA GLU A 248 -2.37 -20.33 24.98
C GLU A 248 -2.14 -18.94 24.37
N GLU A 249 -2.49 -18.81 23.09
CA GLU A 249 -2.32 -17.56 22.35
C GLU A 249 -3.50 -16.62 22.59
N LEU A 250 -3.20 -15.38 22.99
CA LEU A 250 -4.22 -14.38 23.29
C LEU A 250 -4.62 -13.60 22.04
N ILE A 251 -5.08 -14.30 21.02
CA ILE A 251 -5.32 -13.69 19.70
C ILE A 251 -6.47 -12.69 19.72
N GLN A 252 -7.60 -13.08 20.32
CA GLN A 252 -8.78 -12.20 20.38
C GLN A 252 -8.59 -10.99 21.30
N ASP A 253 -7.74 -11.14 22.31
CA ASP A 253 -7.51 -10.08 23.29
C ASP A 253 -6.37 -9.12 22.91
N MET A 254 -5.78 -9.33 21.73
CA MET A 254 -4.68 -8.48 21.25
C MET A 254 -5.20 -7.26 20.49
N GLU A 255 -4.61 -6.10 20.75
CA GLU A 255 -4.79 -4.93 19.89
C GLU A 255 -3.60 -4.85 18.95
N LEU A 256 -3.87 -4.46 17.70
CA LEU A 256 -2.94 -4.70 16.60
C LEU A 256 -2.90 -3.54 15.60
N VAL A 257 -1.79 -3.44 14.88
CA VAL A 257 -1.72 -2.59 13.69
C VAL A 257 -1.29 -3.45 12.51
N GLU A 258 -1.78 -3.10 11.32
CA GLU A 258 -1.32 -3.74 10.11
C GLU A 258 0.14 -3.40 9.90
N THR A 259 0.92 -4.37 9.45
CA THR A 259 2.30 -4.15 9.07
C THR A 259 2.37 -2.91 8.17
N ARG A 260 3.43 -2.10 8.36
CA ARG A 260 3.51 -0.79 7.72
C ARG A 260 4.92 -0.41 7.33
N PRO A 261 5.10 0.23 6.16
CA PRO A 261 6.43 0.59 5.69
C PRO A 261 7.05 1.69 6.55
N ALA A 262 8.37 1.64 6.74
CA ALA A 262 9.08 2.61 7.58
C ALA A 262 9.85 3.64 6.75
N GLY A 263 9.56 3.72 5.46
CA GLY A 263 10.15 4.74 4.59
C GLY A 263 11.53 4.46 4.04
N ASP A 264 12.03 3.23 4.21
CA ASP A 264 13.35 2.85 3.72
C ASP A 264 13.40 1.45 3.10
N GLY A 265 12.23 0.88 2.77
CA GLY A 265 12.14 -0.46 2.22
C GLY A 265 12.03 -1.57 3.25
N THR A 266 11.98 -1.21 4.53
CA THR A 266 11.73 -2.17 5.61
C THR A 266 10.35 -1.93 6.21
N PHE A 267 9.91 -2.85 7.08
CA PHE A 267 8.58 -2.77 7.68
C PHE A 267 8.62 -2.79 9.20
N GLN A 268 7.49 -2.48 9.81
CA GLN A 268 7.35 -2.57 11.26
C GLN A 268 5.92 -2.92 11.66
N LYS A 269 5.78 -3.41 12.89
CA LYS A 269 4.50 -3.81 13.42
C LYS A 269 4.57 -3.80 14.93
N TRP A 270 3.42 -3.65 15.58
CA TRP A 270 3.35 -3.88 17.01
C TRP A 270 2.04 -4.54 17.39
N ALA A 271 2.09 -5.26 18.51
CA ALA A 271 0.92 -5.93 19.06
C ALA A 271 0.93 -5.71 20.56
N SER A 272 -0.23 -5.41 21.12
CA SER A 272 -0.34 -5.14 22.54
C SER A 272 -1.49 -5.90 23.20
N VAL A 273 -1.41 -6.00 24.52
CA VAL A 273 -2.44 -6.65 25.31
C VAL A 273 -2.45 -6.01 26.71
N VAL A 274 -3.63 -5.95 27.31
CA VAL A 274 -3.79 -5.40 28.66
C VAL A 274 -3.70 -6.54 29.68
N VAL A 275 -2.92 -6.34 30.74
CA VAL A 275 -2.71 -7.37 31.77
C VAL A 275 -2.76 -6.75 33.17
N PRO A 276 -2.96 -7.59 34.21
CA PRO A 276 -2.94 -7.09 35.60
C PRO A 276 -1.54 -6.75 36.12
N LEU A 277 -1.46 -5.73 36.98
CA LEU A 277 -0.19 -5.29 37.58
C LEU A 277 0.53 -6.41 38.33
N GLY A 278 1.86 -6.40 38.26
CA GLY A 278 2.69 -7.36 38.99
C GLY A 278 2.94 -8.68 38.29
N LYS A 279 2.01 -9.11 37.43
CA LYS A 279 2.06 -10.41 36.79
C LYS A 279 2.46 -10.31 35.31
N GLU A 280 3.43 -9.44 35.03
CA GLU A 280 3.84 -9.16 33.65
C GLU A 280 4.71 -10.26 33.06
N GLN A 281 5.54 -10.90 33.90
CA GLN A 281 6.49 -11.91 33.42
C GLN A 281 5.84 -13.20 32.93
N TYR A 282 4.60 -13.44 33.31
CA TYR A 282 3.87 -14.63 32.84
C TYR A 282 3.45 -14.53 31.38
N TYR A 283 3.41 -13.31 30.85
CA TYR A 283 3.11 -13.07 29.44
C TYR A 283 4.39 -12.98 28.61
N THR A 284 4.33 -13.48 27.38
CA THR A 284 5.47 -13.48 26.47
C THR A 284 5.05 -13.16 25.03
N CYS A 285 5.89 -12.40 24.33
CA CYS A 285 5.65 -12.08 22.92
C CYS A 285 6.48 -12.98 22.00
N HIS A 286 5.83 -13.55 20.99
CA HIS A 286 6.50 -14.42 20.02
C HIS A 286 6.51 -13.80 18.62
N VAL A 287 7.69 -13.74 18.01
CA VAL A 287 7.87 -13.13 16.69
C VAL A 287 8.33 -14.18 15.68
N TYR A 288 7.50 -14.43 14.66
CA TYR A 288 7.80 -15.39 13.62
C TYR A 288 8.10 -14.67 12.31
N HIS A 289 9.33 -14.83 11.82
CA HIS A 289 9.76 -14.22 10.57
C HIS A 289 10.78 -15.12 9.89
N GLN A 290 10.84 -15.07 8.56
CA GLN A 290 11.76 -15.92 7.80
C GLN A 290 13.24 -15.54 7.98
N GLY A 291 13.49 -14.34 8.49
CA GLY A 291 14.82 -13.93 8.96
C GLY A 291 15.15 -14.42 10.36
N LEU A 292 14.18 -15.05 11.02
CA LEU A 292 14.39 -15.69 12.31
C LEU A 292 14.37 -17.22 12.15
N PRO A 293 15.56 -17.85 12.12
CA PRO A 293 15.57 -19.32 12.05
C PRO A 293 14.85 -19.95 13.25
N GLU A 294 14.93 -19.28 14.41
CA GLU A 294 14.14 -19.64 15.58
C GLU A 294 13.31 -18.43 16.03
N PRO A 295 11.98 -18.60 16.17
CA PRO A 295 11.12 -17.49 16.60
C PRO A 295 11.60 -16.84 17.87
N LEU A 296 11.54 -15.50 17.92
CA LEU A 296 11.93 -14.76 19.12
C LEU A 296 10.89 -14.92 20.22
N THR A 297 11.35 -14.83 21.47
CA THR A 297 10.50 -14.91 22.64
C THR A 297 10.94 -13.85 23.66
N LEU A 298 10.16 -12.79 23.78
CA LEU A 298 10.46 -11.67 24.67
C LEU A 298 9.46 -11.60 25.81
N ARG A 299 9.92 -11.16 26.99
CA ARG A 299 9.11 -11.19 28.20
C ARG A 299 9.02 -9.83 28.91
N TRP A 300 10.17 -9.30 29.32
CA TRP A 300 10.29 -8.15 30.24
C TRP A 300 10.26 -8.64 31.69
N ILE B 2 -20.31 4.68 0.01
CA ILE B 2 -18.98 4.23 0.54
C ILE B 2 -18.10 5.44 0.85
N GLN B 3 -17.94 5.74 2.14
CA GLN B 3 -17.06 6.81 2.59
C GLN B 3 -16.39 6.41 3.90
N LYS B 4 -15.07 6.27 3.87
CA LYS B 4 -14.32 5.76 5.01
C LYS B 4 -13.30 6.75 5.52
N THR B 5 -13.25 6.91 6.85
CA THR B 5 -12.29 7.78 7.50
C THR B 5 -10.92 7.12 7.52
N PRO B 6 -9.86 7.90 7.26
CA PRO B 6 -8.51 7.35 7.34
C PRO B 6 -8.04 7.10 8.76
N GLN B 7 -7.30 6.01 8.95
CA GLN B 7 -6.51 5.81 10.16
C GLN B 7 -5.21 6.56 9.89
N ILE B 8 -4.68 7.22 10.93
CA ILE B 8 -3.44 7.97 10.80
C ILE B 8 -2.47 7.47 11.86
N GLN B 9 -1.32 6.99 11.41
CA GLN B 9 -0.31 6.46 12.31
C GLN B 9 1.00 7.21 12.08
N VAL B 10 1.63 7.66 13.16
CA VAL B 10 2.87 8.42 13.09
C VAL B 10 3.96 7.69 13.86
N TYR B 11 5.07 7.41 13.20
CA TYR B 11 6.14 6.61 13.79
C TYR B 11 7.48 6.85 13.11
N SER B 12 8.56 6.71 13.87
CA SER B 12 9.90 6.84 13.32
C SER B 12 10.42 5.48 12.90
N ARG B 13 11.42 5.47 12.03
CA ARG B 13 12.07 4.22 11.58
C ARG B 13 12.79 3.50 12.72
N HIS B 14 13.51 4.26 13.55
CA HIS B 14 14.24 3.71 14.68
C HIS B 14 13.68 4.21 16.01
N PRO B 15 13.97 3.49 17.11
CA PRO B 15 13.63 4.03 18.44
C PRO B 15 14.31 5.39 18.61
N PRO B 16 13.52 6.44 18.85
CA PRO B 16 14.06 7.80 18.75
C PRO B 16 15.14 8.11 19.78
N GLU B 17 16.26 8.66 19.30
CA GLU B 17 17.33 9.15 20.15
C GLU B 17 17.72 10.55 19.69
N ASN B 18 17.71 11.50 20.62
CA ASN B 18 17.99 12.89 20.29
C ASN B 18 19.36 13.03 19.60
N GLY B 19 19.40 13.76 18.50
CA GLY B 19 20.64 14.01 17.76
C GLY B 19 21.11 12.87 16.87
N LYS B 20 20.22 11.93 16.57
CA LYS B 20 20.54 10.83 15.65
C LYS B 20 19.61 10.86 14.45
N PRO B 21 20.17 10.90 13.23
CA PRO B 21 19.36 10.86 12.01
C PRO B 21 18.33 9.74 12.03
N ASN B 22 17.13 10.04 11.58
CA ASN B 22 16.00 9.12 11.65
C ASN B 22 15.02 9.45 10.52
N ILE B 23 13.97 8.64 10.37
CA ILE B 23 12.92 8.88 9.38
C ILE B 23 11.58 8.90 10.08
N LEU B 24 10.82 9.98 9.91
CA LEU B 24 9.47 10.08 10.46
C LEU B 24 8.46 9.70 9.38
N ASN B 25 7.51 8.84 9.76
CA ASN B 25 6.50 8.34 8.83
C ASN B 25 5.11 8.75 9.29
N CYS B 26 4.27 9.12 8.32
CA CYS B 26 2.84 9.30 8.55
C CYS B 26 2.11 8.39 7.58
N TYR B 27 1.58 7.29 8.09
CA TYR B 27 0.92 6.30 7.27
C TYR B 27 -0.58 6.50 7.38
N VAL B 28 -1.22 6.82 6.25
CA VAL B 28 -2.64 7.14 6.21
C VAL B 28 -3.36 6.03 5.46
N THR B 29 -4.26 5.33 6.12
CA THR B 29 -4.82 4.07 5.59
C THR B 29 -6.34 3.96 5.68
N GLN B 30 -6.89 3.08 4.85
CA GLN B 30 -8.29 2.67 4.90
C GLN B 30 -9.28 3.81 4.67
N PHE B 31 -9.01 4.64 3.67
CA PHE B 31 -9.87 5.78 3.37
C PHE B 31 -10.40 5.79 1.94
N HIS B 32 -11.60 6.35 1.78
CA HIS B 32 -12.24 6.52 0.49
C HIS B 32 -13.22 7.69 0.61
N PRO B 33 -13.26 8.59 -0.38
CA PRO B 33 -12.59 8.64 -1.67
C PRO B 33 -11.10 9.06 -1.58
N PRO B 34 -10.38 9.06 -2.72
CA PRO B 34 -8.94 9.35 -2.72
C PRO B 34 -8.55 10.76 -2.30
N HIS B 35 -9.35 11.77 -2.69
CA HIS B 35 -9.09 13.17 -2.34
C HIS B 35 -8.71 13.30 -0.89
N ILE B 36 -7.49 13.77 -0.63
CA ILE B 36 -6.97 13.88 0.72
C ILE B 36 -5.80 14.85 0.75
N GLU B 37 -5.71 15.66 1.81
CA GLU B 37 -4.59 16.57 2.00
C GLU B 37 -3.81 16.09 3.22
N ILE B 38 -2.50 15.89 3.05
CA ILE B 38 -1.64 15.36 4.09
C ILE B 38 -0.43 16.28 4.28
N GLN B 39 -0.28 16.79 5.50
CA GLN B 39 0.81 17.69 5.84
C GLN B 39 1.59 17.15 7.02
N MET B 40 2.91 17.09 6.89
CA MET B 40 3.77 16.75 8.01
C MET B 40 4.25 18.07 8.62
N LEU B 41 4.08 18.19 9.94
CA LEU B 41 4.36 19.44 10.65
C LEU B 41 5.51 19.26 11.63
N LYS B 42 6.36 20.27 11.69
CA LYS B 42 7.36 20.40 12.75
C LYS B 42 7.09 21.72 13.48
N ASN B 43 6.72 21.62 14.76
CA ASN B 43 6.30 22.77 15.55
C ASN B 43 5.24 23.62 14.83
N GLY B 44 4.25 22.96 14.24
CA GLY B 44 3.13 23.63 13.57
C GLY B 44 3.42 24.17 12.18
N LYS B 45 4.66 24.03 11.73
CA LYS B 45 5.09 24.55 10.44
C LYS B 45 5.23 23.40 9.46
N LYS B 46 4.71 23.58 8.24
CA LYS B 46 4.74 22.54 7.22
C LYS B 46 6.18 22.18 6.89
N ILE B 47 6.49 20.88 6.91
CA ILE B 47 7.83 20.40 6.59
C ILE B 47 7.99 20.42 5.05
N PRO B 48 9.10 20.96 4.55
CA PRO B 48 9.18 21.32 3.12
C PRO B 48 9.31 20.15 2.13
N LYS B 49 10.19 19.20 2.43
CA LYS B 49 10.48 18.11 1.49
C LYS B 49 10.00 16.76 2.01
N VAL B 50 8.71 16.50 1.78
CA VAL B 50 8.07 15.26 2.20
C VAL B 50 7.82 14.37 0.99
N GLU B 51 8.36 13.16 1.04
CA GLU B 51 8.16 12.17 -0.03
C GLU B 51 6.88 11.37 0.20
N MET B 52 6.04 11.28 -0.82
CA MET B 52 4.84 10.45 -0.79
C MET B 52 5.13 9.14 -1.50
N SER B 53 4.86 8.03 -0.84
CA SER B 53 5.16 6.71 -1.40
C SER B 53 4.19 5.63 -0.92
N ASP B 54 4.41 4.41 -1.38
CA ASP B 54 3.63 3.23 -0.96
C ASP B 54 2.12 3.43 -1.12
N MET B 55 1.73 4.08 -2.21
CA MET B 55 0.31 4.19 -2.53
C MET B 55 -0.20 2.86 -3.05
N SER B 56 -1.29 2.38 -2.46
CA SER B 56 -1.91 1.13 -2.90
C SER B 56 -3.34 1.06 -2.36
N PHE B 57 -3.99 -0.09 -2.54
CA PHE B 57 -5.28 -0.32 -1.90
C PHE B 57 -5.51 -1.78 -1.52
N SER B 58 -6.37 -1.99 -0.53
CA SER B 58 -6.63 -3.30 0.04
C SER B 58 -7.76 -4.01 -0.70
N LYS B 59 -8.18 -5.17 -0.17
CA LYS B 59 -9.25 -5.97 -0.76
C LYS B 59 -10.60 -5.25 -0.81
N ASP B 60 -10.87 -4.38 0.15
CA ASP B 60 -12.11 -3.58 0.13
C ASP B 60 -11.94 -2.26 -0.65
N TRP B 61 -10.82 -2.14 -1.36
CA TRP B 61 -10.54 -1.01 -2.27
C TRP B 61 -10.22 0.33 -1.58
N SER B 62 -10.06 0.33 -0.26
CA SER B 62 -9.73 1.55 0.46
C SER B 62 -8.25 1.87 0.26
N PHE B 63 -7.90 3.15 0.36
CA PHE B 63 -6.56 3.61 0.01
C PHE B 63 -5.58 3.59 1.20
N TYR B 64 -4.33 3.35 0.85
CA TYR B 64 -3.21 3.41 1.76
C TYR B 64 -2.18 4.32 1.11
N ILE B 65 -1.49 5.15 1.90
CA ILE B 65 -0.46 6.06 1.40
C ILE B 65 0.47 6.45 2.53
N LEU B 66 1.76 6.57 2.23
CA LEU B 66 2.78 6.88 3.23
C LEU B 66 3.39 8.24 2.93
N ALA B 67 3.47 9.08 3.95
CA ALA B 67 4.25 10.31 3.87
C ALA B 67 5.44 10.13 4.79
N HIS B 68 6.63 10.50 4.32
CA HIS B 68 7.82 10.38 5.15
C HIS B 68 8.92 11.36 4.79
N THR B 69 9.73 11.69 5.79
CA THR B 69 10.82 12.64 5.66
C THR B 69 11.93 12.24 6.62
N GLU B 70 13.17 12.53 6.24
CA GLU B 70 14.30 12.35 7.15
C GLU B 70 14.27 13.47 8.16
N PHE B 71 14.71 13.17 9.38
CA PHE B 71 14.71 14.17 10.44
C PHE B 71 15.59 13.71 11.59
N THR B 72 15.88 14.65 12.49
CA THR B 72 16.66 14.37 13.68
C THR B 72 15.89 14.90 14.88
N PRO B 73 15.49 14.00 15.80
CA PRO B 73 14.74 14.48 16.96
C PRO B 73 15.58 15.37 17.89
N THR B 74 14.91 16.31 18.55
CA THR B 74 15.48 17.07 19.64
C THR B 74 14.46 17.12 20.77
N GLU B 75 14.93 17.38 21.98
CA GLU B 75 14.06 17.38 23.16
C GLU B 75 12.87 18.34 23.05
N THR B 76 13.07 19.50 22.41
CA THR B 76 12.03 20.53 22.34
C THR B 76 11.03 20.34 21.19
N ASP B 77 11.54 19.95 20.02
CA ASP B 77 10.73 19.93 18.79
C ASP B 77 9.54 18.97 18.86
N THR B 78 8.44 19.37 18.24
CA THR B 78 7.23 18.57 18.19
C THR B 78 6.84 18.30 16.74
N TYR B 79 6.61 17.03 16.42
CA TYR B 79 6.25 16.62 15.07
C TYR B 79 4.84 16.08 15.05
N ALA B 80 4.10 16.41 13.99
CA ALA B 80 2.70 16.01 13.87
C ALA B 80 2.33 15.77 12.41
N CYS B 81 1.14 15.22 12.19
CA CYS B 81 0.66 14.96 10.85
C CYS B 81 -0.79 15.43 10.73
N ARG B 82 -1.01 16.44 9.88
CA ARG B 82 -2.33 17.00 9.68
C ARG B 82 -2.95 16.43 8.40
N VAL B 83 -4.20 15.97 8.52
CA VAL B 83 -4.89 15.30 7.43
C VAL B 83 -6.27 15.91 7.25
N LYS B 84 -6.62 16.24 6.00
CA LYS B 84 -7.98 16.65 5.66
C LYS B 84 -8.60 15.66 4.68
N HIS B 85 -9.82 15.23 4.98
CA HIS B 85 -10.53 14.27 4.17
C HIS B 85 -12.02 14.53 4.30
N ASP B 86 -12.77 14.21 3.26
CA ASP B 86 -14.19 14.57 3.20
C ASP B 86 -15.05 13.95 4.31
N SER B 87 -14.62 12.82 4.84
CA SER B 87 -15.33 12.13 5.93
C SER B 87 -15.22 12.83 7.28
N MET B 88 -14.25 13.73 7.43
CA MET B 88 -14.03 14.42 8.70
C MET B 88 -14.78 15.73 8.75
N ALA B 89 -15.30 16.06 9.93
CA ALA B 89 -15.88 17.38 10.17
C ALA B 89 -14.78 18.43 10.28
N GLU B 90 -13.68 18.05 10.92
CA GLU B 90 -12.51 18.93 11.10
C GLU B 90 -11.22 18.21 10.73
N PRO B 91 -10.21 18.95 10.23
CA PRO B 91 -8.88 18.41 9.99
C PRO B 91 -8.35 17.70 11.23
N LYS B 92 -7.82 16.50 11.04
CA LYS B 92 -7.34 15.70 12.17
C LYS B 92 -5.82 15.85 12.29
N THR B 93 -5.34 16.15 13.49
CA THR B 93 -3.91 16.27 13.76
C THR B 93 -3.46 15.19 14.75
N VAL B 94 -2.64 14.26 14.27
CA VAL B 94 -2.09 13.20 15.10
C VAL B 94 -0.62 13.50 15.39
N TYR B 95 -0.29 13.66 16.68
CA TYR B 95 1.07 13.96 17.09
C TYR B 95 1.89 12.68 17.19
N TRP B 96 3.20 12.83 17.09
CA TRP B 96 4.11 11.73 17.22
C TRP B 96 4.31 11.45 18.69
N ASP B 97 3.83 10.29 19.15
CA ASP B 97 4.11 9.82 20.49
C ASP B 97 5.40 9.01 20.43
N ARG B 98 6.48 9.60 20.93
CA ARG B 98 7.80 8.97 20.86
C ARG B 98 8.05 7.95 21.97
N ASP B 99 7.13 7.84 22.92
CA ASP B 99 7.26 6.90 24.04
C ASP B 99 6.37 5.67 23.88
N MET B 100 5.68 5.54 22.76
CA MET B 100 4.70 4.47 22.58
C MET B 100 5.39 3.09 22.56
N PHE C 1 6.87 -4.31 -16.45
CA PHE C 1 6.18 -4.05 -17.75
C PHE C 1 4.69 -3.91 -17.50
N ALA C 2 4.21 -2.66 -17.46
CA ALA C 2 2.83 -2.39 -17.11
C ALA C 2 1.90 -2.75 -18.27
N PRO C 3 0.63 -3.07 -17.95
CA PRO C 3 -0.35 -3.30 -19.00
C PRO C 3 -0.50 -2.07 -19.89
N GLY C 4 -0.50 -2.29 -21.21
CA GLY C 4 -0.57 -1.20 -22.17
C GLY C 4 -1.95 -0.97 -22.77
N ASN C 5 -2.90 -1.85 -22.45
CA ASN C 5 -4.26 -1.71 -22.96
C ASN C 5 -5.31 -2.06 -21.92
N TYR C 6 -5.96 -1.03 -21.38
CA TYR C 6 -7.18 -1.24 -20.60
C TYR C 6 -8.35 -0.95 -21.52
N PRO C 7 -9.08 -2.00 -21.95
CA PRO C 7 -10.17 -1.77 -22.90
C PRO C 7 -11.28 -0.93 -22.27
N ALA C 8 -11.91 -0.07 -23.06
CA ALA C 8 -12.92 0.84 -22.55
C ALA C 8 -14.17 0.09 -22.08
N PHE C 9 -14.83 0.64 -21.06
CA PHE C 9 -16.05 0.05 -20.51
C PHE C 9 -17.24 0.18 -21.47
C1 GOL D . 8.62 3.67 17.24
O1 GOL D . 9.99 3.49 17.63
C2 GOL D . 8.11 5.02 17.72
O2 GOL D . 8.90 6.07 17.17
C3 GOL D . 6.66 5.23 17.29
O3 GOL D . 5.79 5.27 18.44
#